data_7MLZ
#
_entry.id   7MLZ
#
_cell.length_a   1.00
_cell.length_b   1.00
_cell.length_c   1.00
_cell.angle_alpha   90.00
_cell.angle_beta   90.00
_cell.angle_gamma   90.00
#
_symmetry.space_group_name_H-M   'P 1'
#
loop_
_entity.id
_entity.type
_entity.pdbx_description
1 polymer 'Spike protein S1'
2 polymer 'B1-182.1 Fab heavy chain'
3 polymer 'B1-182.1 Fab light chain'
4 branched alpha-D-mannopyranose-(1-3)-[alpha-D-mannopyranose-(1-6)]beta-D-mannopyranose-(1-4)-2-acetamido-2-deoxy-beta-D-glucopyranose-(1-4)-2-acetamido-2-deoxy-beta-D-glucopyranose
#
loop_
_entity_poly.entity_id
_entity_poly.type
_entity_poly.pdbx_seq_one_letter_code
_entity_poly.pdbx_strand_id
1 'polypeptide(L)'
;NITNLCPFGEVFNATRFASVYAWNRKRISNCVADYSVLYNSASFSTFKCYGVSPTKLNDLCFTNVYADSFVIRGDEVRQI
APGQTGKIADYNYKLPDDFTGCVIAWNSNNLDSKVGGNYNYLYRLFRKSNLKPFERDISTEIYQAGSTPCNGVEGFNCYF
PLQSYGFQPTNGVGYQPYRVVVLSFELLHAPATVCGP
;
A
2 'polypeptide(L)'
;QMQLVQSGPEVKKPGTSVKVSCKASGFTFTSSAVQWVRQARGQRLEWIGWIVVGSGNTNYAQKFQERVTITRDMSTSTAY
MELSSLRSEDTAVYYCAAPYCSGGSCFDGFDIWGQGTMVTVSSASTKGPSVFPLAPSSKSTSGGTAALGCLVKDYFPEPV
TVSWNSGALTSGVHTFPAVLQSSGLYSLSSVVTVPSSSLGTQTYICNVNHKPSNTKVDKKVEPKSCDK
;
H
3 'polypeptide(L)'
;EIVLTQSPGTLSLSPGERATLSCRASQSVSSSYLAWYQQKPGQAPRLLIYGASSRATGFPDRFSGSGSGTDFTLTISRLE
PEDFAVYYCQQYGNSPWTFGQGTKVEIRRTVAAPSVFIFPPSDEQLKSGTASVVCLLNNFYPREAKVQWKVDNALQSGNS
QESVTEQDSKDSTYSLSSTLTLSKADYEKHKVYACEVTHQGLSSPVTKSFNRGEC
;
L
#
# COMPACT_ATOMS: atom_id res chain seq x y z
N ILE A 2 19.12 50.98 46.67
CA ILE A 2 18.40 51.50 45.52
C ILE A 2 18.10 50.37 44.53
N THR A 3 19.08 49.47 44.37
CA THR A 3 18.96 48.27 43.54
C THR A 3 18.73 48.59 42.07
N ASN A 4 18.61 47.55 41.24
CA ASN A 4 18.32 47.70 39.82
C ASN A 4 17.52 46.49 39.35
N LEU A 5 17.45 46.31 38.05
CA LEU A 5 16.75 45.16 37.47
C LEU A 5 17.45 44.76 36.19
N CYS A 6 17.95 43.52 36.15
CA CYS A 6 18.57 43.00 34.96
C CYS A 6 17.53 42.76 33.86
N PRO A 7 17.94 42.79 32.59
CA PRO A 7 16.97 42.74 31.49
C PRO A 7 16.23 41.41 31.37
N PHE A 8 15.50 41.05 32.42
CA PHE A 8 14.75 39.79 32.41
C PHE A 8 13.56 39.85 31.46
N GLY A 9 12.89 41.00 31.38
CA GLY A 9 11.65 41.06 30.62
C GLY A 9 11.87 40.98 29.11
N GLU A 10 12.95 41.58 28.62
CA GLU A 10 13.22 41.56 27.19
C GLU A 10 13.41 40.15 26.65
N VAL A 11 13.88 39.23 27.48
CA VAL A 11 13.82 37.82 27.11
C VAL A 11 12.37 37.36 27.04
N PHE A 12 11.54 37.85 27.95
CA PHE A 12 10.16 37.38 28.02
C PHE A 12 9.28 37.99 26.94
N ASN A 13 9.40 39.29 26.66
CA ASN A 13 8.60 39.92 25.62
C ASN A 13 9.51 40.26 24.45
N ALA A 14 9.06 39.89 23.24
CA ALA A 14 9.71 40.24 21.97
C ALA A 14 8.88 39.66 20.83
N THR A 15 9.20 40.07 19.60
CA THR A 15 8.45 39.58 18.45
C THR A 15 8.92 38.19 18.02
N ARG A 16 10.21 38.06 17.73
CA ARG A 16 10.78 36.85 17.13
C ARG A 16 11.45 36.04 18.22
N PHE A 17 10.86 34.90 18.56
CA PHE A 17 11.41 33.99 19.57
C PHE A 17 12.08 32.79 18.92
N ALA A 18 13.32 32.54 19.32
CA ALA A 18 14.18 31.41 18.95
C ALA A 18 13.58 30.40 17.97
N SER A 19 13.51 29.15 18.40
CA SER A 19 13.01 28.05 17.59
C SER A 19 12.88 26.85 18.51
N VAL A 20 12.55 25.70 17.92
CA VAL A 20 12.39 24.50 18.73
C VAL A 20 13.76 23.87 19.02
N TYR A 21 14.68 23.91 18.06
CA TYR A 21 15.96 23.23 18.19
C TYR A 21 17.14 24.16 18.39
N ALA A 22 17.09 25.38 17.83
CA ALA A 22 18.17 26.35 17.99
C ALA A 22 17.89 27.27 19.16
N TRP A 23 17.29 26.71 20.20
CA TRP A 23 16.75 27.49 21.31
C TRP A 23 17.80 28.37 21.97
N ASN A 24 17.43 29.61 22.20
CA ASN A 24 18.29 30.54 22.91
C ASN A 24 18.43 30.10 24.36
N ARG A 25 19.57 30.46 24.96
CA ARG A 25 19.84 30.17 26.36
C ARG A 25 20.66 31.34 26.89
N LYS A 26 19.99 32.33 27.46
CA LYS A 26 20.65 33.54 27.92
C LYS A 26 21.10 33.37 29.35
N ARG A 27 22.39 33.58 29.60
CA ARG A 27 22.90 33.58 30.96
C ARG A 27 22.64 34.93 31.60
N ILE A 28 22.12 34.92 32.82
CA ILE A 28 21.87 36.12 33.59
C ILE A 28 22.55 35.96 34.94
N SER A 29 23.31 36.98 35.33
CA SER A 29 24.04 36.96 36.59
C SER A 29 24.22 38.39 37.09
N ASN A 30 24.57 38.50 38.37
CA ASN A 30 24.92 39.78 38.99
C ASN A 30 23.79 40.80 38.86
N CYS A 31 22.57 40.34 39.15
CA CYS A 31 21.41 41.22 39.02
C CYS A 31 20.40 40.89 40.10
N VAL A 32 19.48 41.82 40.32
CA VAL A 32 18.32 41.62 41.19
C VAL A 32 17.13 41.39 40.26
N ALA A 33 16.86 40.14 39.93
CA ALA A 33 15.78 39.80 39.01
C ALA A 33 14.46 39.87 39.78
N ASP A 34 13.63 40.84 39.43
CA ASP A 34 12.39 41.08 40.17
C ASP A 34 11.38 39.98 39.84
N TYR A 35 11.44 38.89 40.59
CA TYR A 35 10.54 37.77 40.36
C TYR A 35 9.09 38.12 40.68
N SER A 36 8.85 39.21 41.43
CA SER A 36 7.48 39.55 41.79
C SER A 36 6.60 39.83 40.58
N VAL A 37 7.19 40.24 39.45
CA VAL A 37 6.39 40.61 38.30
C VAL A 37 5.85 39.38 37.56
N LEU A 38 6.38 38.19 37.82
CA LEU A 38 5.94 37.01 37.10
C LEU A 38 4.95 36.14 37.85
N TYR A 39 4.80 36.33 39.17
CA TYR A 39 3.79 35.59 39.91
C TYR A 39 2.82 36.46 40.67
N ASN A 40 3.31 37.53 41.33
CA ASN A 40 2.44 38.32 42.20
C ASN A 40 1.45 39.13 41.40
N SER A 41 1.88 39.71 40.28
CA SER A 41 1.00 40.45 39.38
C SER A 41 1.33 40.00 37.97
N ALA A 42 0.62 38.96 37.51
CA ALA A 42 0.90 38.38 36.21
C ALA A 42 -0.39 37.85 35.61
N SER A 43 -0.37 37.70 34.29
CA SER A 43 -1.49 37.15 33.51
C SER A 43 -1.00 36.01 32.64
N PHE A 44 -0.18 35.14 33.22
CA PHE A 44 0.43 34.02 32.51
C PHE A 44 -0.23 32.72 32.96
N SER A 45 -0.84 32.01 32.01
CA SER A 45 -1.43 30.73 32.32
C SER A 45 -0.35 29.70 32.62
N THR A 46 -0.76 28.65 33.32
CA THR A 46 0.07 27.48 33.59
C THR A 46 1.45 27.87 34.12
N PHE A 47 1.43 28.56 35.27
CA PHE A 47 2.66 28.93 35.95
C PHE A 47 2.89 27.88 37.06
N LYS A 48 3.09 26.65 36.63
CA LYS A 48 3.48 25.56 37.52
C LYS A 48 4.94 25.27 37.23
N CYS A 49 5.80 25.51 38.22
CA CYS A 49 7.23 25.55 37.94
C CYS A 49 7.97 24.72 39.00
N TYR A 50 7.59 23.45 39.10
CA TYR A 50 8.13 22.49 40.07
C TYR A 50 9.62 22.68 40.30
N GLY A 51 10.02 22.51 41.57
CA GLY A 51 11.40 22.62 41.98
C GLY A 51 11.61 23.56 43.15
N VAL A 52 10.89 24.69 43.15
CA VAL A 52 10.90 25.64 44.26
C VAL A 52 9.51 26.23 44.37
N SER A 53 9.04 26.41 45.60
CA SER A 53 7.73 27.00 45.82
C SER A 53 7.68 28.41 45.24
N PRO A 54 6.62 28.76 44.50
CA PRO A 54 6.56 30.11 43.90
C PRO A 54 6.59 31.21 44.94
N THR A 55 5.95 31.00 46.08
CA THR A 55 5.99 31.97 47.15
C THR A 55 7.41 32.09 47.68
N LYS A 56 7.74 33.29 48.21
CA LYS A 56 9.07 33.62 48.73
C LYS A 56 10.19 33.18 47.77
N LEU A 57 9.87 33.17 46.47
CA LEU A 57 10.91 32.94 45.48
C LEU A 57 11.94 34.05 45.50
N ASN A 58 11.50 35.30 45.69
CA ASN A 58 12.41 36.44 45.71
C ASN A 58 13.38 36.39 46.88
N ASP A 59 13.06 35.63 47.93
CA ASP A 59 13.92 35.57 49.11
C ASP A 59 14.86 34.38 49.11
N LEU A 60 14.82 33.53 48.08
CA LEU A 60 15.82 32.49 47.88
C LEU A 60 16.43 32.67 46.49
N CYS A 61 17.76 32.55 46.41
CA CYS A 61 18.45 32.88 45.18
C CYS A 61 19.50 31.84 44.86
N PHE A 62 19.54 31.42 43.60
CA PHE A 62 20.46 30.40 43.13
C PHE A 62 21.64 31.06 42.42
N THR A 63 22.48 30.24 41.80
CA THR A 63 23.78 30.73 41.33
C THR A 63 23.65 31.57 40.06
N ASN A 64 23.18 30.96 38.98
CA ASN A 64 23.08 31.66 37.70
C ASN A 64 21.75 31.32 37.03
N VAL A 65 21.25 32.27 36.24
CA VAL A 65 19.98 32.11 35.55
C VAL A 65 20.25 31.69 34.12
N TYR A 66 19.53 30.68 33.65
CA TYR A 66 19.52 30.32 32.23
C TYR A 66 18.10 30.51 31.71
N ALA A 67 17.85 31.61 31.02
CA ALA A 67 16.55 31.89 30.45
C ALA A 67 16.43 31.22 29.10
N ASP A 68 15.37 30.45 28.90
CA ASP A 68 15.09 29.75 27.66
C ASP A 68 13.99 30.48 26.89
N SER A 69 13.61 29.91 25.74
CA SER A 69 12.55 30.47 24.92
C SER A 69 12.14 29.42 23.92
N PHE A 70 10.83 29.22 23.77
CA PHE A 70 10.32 28.16 22.92
C PHE A 70 8.94 28.52 22.39
N VAL A 71 8.60 27.95 21.23
CA VAL A 71 7.25 28.03 20.68
C VAL A 71 6.77 26.61 20.45
N ILE A 72 5.63 26.26 21.03
CA ILE A 72 5.10 24.91 20.98
C ILE A 72 3.62 24.98 20.64
N ARG A 73 3.12 23.94 19.98
CA ARG A 73 1.69 23.77 19.79
C ARG A 73 0.99 23.72 21.14
N GLY A 74 -0.33 23.90 21.11
CA GLY A 74 -1.09 24.01 22.35
C GLY A 74 -1.05 22.75 23.19
N ASP A 75 -1.28 21.60 22.55
CA ASP A 75 -1.31 20.35 23.30
C ASP A 75 0.07 19.92 23.77
N GLU A 76 1.10 20.18 22.97
CA GLU A 76 2.44 19.68 23.24
C GLU A 76 3.19 20.49 24.30
N VAL A 77 2.50 21.35 25.05
CA VAL A 77 3.17 22.10 26.11
C VAL A 77 3.52 21.19 27.28
N ARG A 78 2.70 20.17 27.53
CA ARG A 78 2.85 19.33 28.70
C ARG A 78 4.12 18.49 28.66
N GLN A 79 4.73 18.34 27.49
CA GLN A 79 5.92 17.49 27.36
C GLN A 79 7.09 17.99 28.19
N ILE A 80 7.06 19.25 28.62
CA ILE A 80 8.09 19.76 29.52
C ILE A 80 7.86 19.13 30.88
N ALA A 81 8.67 18.13 31.21
CA ALA A 81 8.48 17.31 32.42
C ALA A 81 9.76 16.51 32.65
N PRO A 82 9.87 15.78 33.76
CA PRO A 82 11.06 14.93 33.93
C PRO A 82 11.10 13.79 32.94
N GLY A 83 11.44 14.12 31.70
CA GLY A 83 11.54 13.15 30.64
C GLY A 83 10.24 12.88 29.92
N GLN A 84 9.34 12.13 30.57
CA GLN A 84 8.08 11.70 29.99
C GLN A 84 8.28 11.09 28.60
N THR A 85 7.41 11.43 27.66
CA THR A 85 7.48 10.92 26.30
C THR A 85 7.31 12.09 25.33
N GLY A 86 7.14 11.76 24.06
CA GLY A 86 6.85 12.74 23.04
C GLY A 86 8.08 13.10 22.22
N LYS A 87 7.91 14.15 21.41
CA LYS A 87 8.97 14.64 20.55
C LYS A 87 9.76 15.78 21.17
N ILE A 88 9.46 16.13 22.41
CA ILE A 88 10.23 17.09 23.18
C ILE A 88 10.89 16.34 24.33
N ALA A 89 12.13 16.71 24.65
CA ALA A 89 12.99 16.06 25.63
C ALA A 89 13.42 14.67 25.19
N ASP A 90 13.13 14.28 23.95
CA ASP A 90 13.72 13.10 23.32
C ASP A 90 14.53 13.43 22.09
N TYR A 91 14.14 14.45 21.33
CA TYR A 91 14.94 14.91 20.21
C TYR A 91 15.11 16.42 20.29
N ASN A 92 14.12 17.11 20.85
CA ASN A 92 14.17 18.55 21.08
C ASN A 92 14.96 18.81 22.36
N TYR A 93 14.89 20.03 22.87
CA TYR A 93 15.51 20.35 24.15
C TYR A 93 14.96 19.45 25.25
N LYS A 94 15.84 18.94 26.09
CA LYS A 94 15.48 17.97 27.12
C LYS A 94 15.61 18.56 28.52
N LEU A 95 14.71 18.12 29.40
CA LEU A 95 14.75 18.51 30.80
C LEU A 95 15.55 17.47 31.59
N PRO A 96 16.62 17.86 32.26
CA PRO A 96 17.39 16.88 33.03
C PRO A 96 16.58 16.31 34.18
N ASP A 97 16.90 15.07 34.53
CA ASP A 97 16.24 14.42 35.65
C ASP A 97 16.61 15.11 36.95
N ASP A 98 15.62 15.23 37.83
CA ASP A 98 15.80 15.86 39.15
C ASP A 98 16.30 17.29 39.01
N PHE A 99 15.80 17.99 38.00
CA PHE A 99 16.17 19.37 37.75
C PHE A 99 15.40 20.32 38.67
N THR A 100 16.01 21.47 38.95
CA THR A 100 15.45 22.48 39.84
C THR A 100 15.40 23.81 39.11
N GLY A 101 14.21 24.22 38.69
CA GLY A 101 14.03 25.50 38.04
C GLY A 101 12.58 25.64 37.62
N CYS A 102 12.21 26.86 37.24
CA CYS A 102 10.81 27.13 36.94
C CYS A 102 10.51 27.08 35.44
N VAL A 103 9.24 26.82 35.13
CA VAL A 103 8.75 26.69 33.77
C VAL A 103 7.42 27.43 33.66
N ILE A 104 7.27 28.24 32.60
CA ILE A 104 6.06 29.01 32.35
C ILE A 104 5.66 28.80 30.90
N ALA A 105 4.35 28.86 30.63
CA ALA A 105 3.85 28.68 29.27
C ALA A 105 2.60 29.53 29.09
N TRP A 106 2.69 30.56 28.25
CA TRP A 106 1.60 31.50 28.05
C TRP A 106 1.20 31.56 26.58
N ASN A 107 -0.11 31.67 26.35
CA ASN A 107 -0.63 31.67 24.98
C ASN A 107 -0.13 32.88 24.19
N SER A 108 0.17 32.65 22.92
CA SER A 108 0.70 33.66 22.03
C SER A 108 0.00 33.63 20.67
N ASN A 109 -1.34 33.58 20.69
CA ASN A 109 -2.09 33.57 19.43
C ASN A 109 -1.79 34.79 18.58
N ASN A 110 -1.35 35.89 19.18
CA ASN A 110 -0.88 37.07 18.46
C ASN A 110 0.60 37.28 18.81
N LEU A 111 1.13 38.44 18.41
CA LEU A 111 2.52 38.79 18.64
C LEU A 111 3.46 37.82 17.93
N ASP A 112 3.40 37.86 16.59
CA ASP A 112 4.23 37.05 15.70
C ASP A 112 3.84 35.57 15.71
N SER A 113 2.53 35.29 15.66
CA SER A 113 2.02 33.97 15.30
C SER A 113 0.79 34.23 14.44
N LYS A 114 1.00 34.33 13.13
CA LYS A 114 0.00 34.88 12.22
C LYS A 114 -0.24 33.89 11.09
N VAL A 115 -1.00 34.34 10.08
CA VAL A 115 -1.45 33.46 9.01
C VAL A 115 -0.26 32.87 8.26
N GLY A 116 -0.50 31.71 7.66
CA GLY A 116 0.52 31.03 6.90
C GLY A 116 1.46 30.23 7.78
N GLY A 117 1.77 29.00 7.37
CA GLY A 117 2.76 28.22 8.07
C GLY A 117 4.07 28.95 8.12
N ASN A 118 4.47 29.40 9.30
CA ASN A 118 5.63 30.26 9.44
C ASN A 118 6.88 29.57 8.92
N TYR A 119 7.74 30.36 8.27
CA TYR A 119 8.92 29.82 7.60
C TYR A 119 9.82 29.10 8.61
N ASN A 120 10.03 29.71 9.76
CA ASN A 120 10.79 29.10 10.84
C ASN A 120 9.80 28.36 11.75
N TYR A 121 10.24 28.01 12.96
CA TYR A 121 9.46 27.19 13.90
C TYR A 121 9.24 25.79 13.32
N LEU A 122 10.35 25.11 13.08
CA LEU A 122 10.36 23.72 12.64
C LEU A 122 10.66 22.81 13.82
N TYR A 123 10.25 21.55 13.68
CA TYR A 123 10.56 20.52 14.66
C TYR A 123 12.06 20.30 14.72
N ARG A 124 12.46 19.47 15.69
CA ARG A 124 13.76 18.79 15.65
C ARG A 124 13.46 17.31 15.80
N LEU A 125 13.58 16.56 14.72
CA LEU A 125 13.14 15.18 14.71
C LEU A 125 14.24 14.29 14.15
N PHE A 126 14.06 12.99 14.36
CA PHE A 126 14.87 11.96 13.71
C PHE A 126 16.36 12.13 14.07
N ARG A 127 16.64 11.92 15.35
CA ARG A 127 18.00 11.82 15.84
C ARG A 127 18.28 10.38 16.25
N LYS A 128 19.46 9.88 15.87
CA LYS A 128 19.78 8.47 16.09
C LYS A 128 19.78 8.12 17.57
N SER A 129 20.13 9.07 18.45
CA SER A 129 20.07 8.87 19.88
C SER A 129 18.93 9.70 20.47
N ASN A 130 18.68 9.49 21.77
CA ASN A 130 17.63 10.21 22.49
C ASN A 130 18.16 11.42 23.26
N LEU A 131 19.29 11.98 22.82
CA LEU A 131 19.85 13.21 23.38
C LEU A 131 20.31 13.03 24.82
N LYS A 132 21.02 14.03 25.33
CA LYS A 132 21.42 14.14 26.73
C LYS A 132 20.96 15.49 27.26
N PRO A 133 20.76 15.60 28.56
CA PRO A 133 20.22 16.86 29.12
C PRO A 133 21.13 18.05 28.90
N PHE A 134 20.51 19.21 28.69
CA PHE A 134 21.17 20.52 28.67
C PHE A 134 22.04 20.76 27.45
N GLU A 135 22.21 19.77 26.59
CA GLU A 135 23.02 19.98 25.40
C GLU A 135 22.15 20.55 24.28
N ARG A 136 22.77 21.38 23.44
CA ARG A 136 22.05 22.15 22.45
C ARG A 136 22.37 21.62 21.05
N ASP A 137 21.33 21.49 20.23
CA ASP A 137 21.45 20.94 18.88
C ASP A 137 21.35 22.08 17.88
N ILE A 138 22.49 22.49 17.33
CA ILE A 138 22.54 23.58 16.37
C ILE A 138 23.11 23.01 15.06
N SER A 139 22.88 21.72 14.83
CA SER A 139 23.44 21.03 13.68
C SER A 139 22.32 20.43 12.85
N THR A 140 22.52 20.42 11.53
CA THR A 140 21.57 19.80 10.61
C THR A 140 22.31 18.89 9.66
N GLU A 141 21.69 17.75 9.36
CA GLU A 141 22.25 16.76 8.44
C GLU A 141 21.18 15.73 8.16
N ILE A 142 21.34 15.03 7.05
CA ILE A 142 20.35 14.04 6.62
C ILE A 142 20.39 12.84 7.55
N TYR A 143 19.23 12.37 7.96
CA TYR A 143 19.13 11.24 8.88
C TYR A 143 19.58 9.96 8.20
N GLN A 144 19.79 8.93 9.02
CA GLN A 144 20.14 7.60 8.55
C GLN A 144 18.98 6.66 8.82
N ALA A 145 18.49 6.00 7.77
CA ALA A 145 17.33 5.12 7.89
C ALA A 145 17.48 3.85 7.09
N GLY A 146 18.70 3.36 6.88
CA GLY A 146 18.88 2.13 6.12
C GLY A 146 20.33 1.72 6.05
N SER A 147 20.59 0.70 5.23
CA SER A 147 21.92 0.14 5.07
C SER A 147 22.91 1.15 4.48
N THR A 148 22.64 1.60 3.26
CA THR A 148 23.62 2.44 2.56
C THR A 148 23.40 3.91 2.87
N PRO A 149 24.46 4.67 3.10
CA PRO A 149 24.32 6.10 3.36
C PRO A 149 24.26 6.93 2.10
N CYS A 150 23.17 7.66 1.90
CA CYS A 150 23.09 8.57 0.76
C CYS A 150 24.18 9.62 0.86
N ASN A 151 24.85 9.87 -0.27
CA ASN A 151 26.07 10.66 -0.32
C ASN A 151 25.80 12.16 -0.39
N GLY A 152 24.62 12.62 0.02
CA GLY A 152 24.32 14.03 -0.01
C GLY A 152 23.09 14.36 -0.83
N VAL A 153 22.60 13.39 -1.60
CA VAL A 153 21.41 13.53 -2.42
C VAL A 153 20.28 12.73 -1.79
N GLU A 154 19.15 13.39 -1.55
CA GLU A 154 18.03 12.73 -0.89
C GLU A 154 17.33 11.77 -1.85
N GLY A 155 16.47 10.94 -1.29
CA GLY A 155 15.75 9.95 -2.05
C GLY A 155 14.98 9.01 -1.14
N PHE A 156 15.10 7.70 -1.39
CA PHE A 156 14.55 6.72 -0.47
C PHE A 156 15.15 6.89 0.92
N ASN A 157 14.28 6.93 1.93
CA ASN A 157 14.67 7.19 3.32
C ASN A 157 15.43 8.52 3.33
N CYS A 158 16.53 8.64 4.08
CA CYS A 158 17.33 9.86 4.11
C CYS A 158 16.46 11.09 4.39
N TYR A 159 15.69 11.02 5.46
CA TYR A 159 14.74 12.08 5.76
C TYR A 159 15.47 13.34 6.22
N PHE A 160 14.95 14.48 5.79
CA PHE A 160 15.38 15.76 6.36
C PHE A 160 14.75 15.91 7.73
N PRO A 161 15.54 16.21 8.77
CA PRO A 161 15.01 16.13 10.14
C PRO A 161 13.87 17.08 10.46
N LEU A 162 13.78 18.23 9.79
CA LEU A 162 12.97 19.35 10.27
C LEU A 162 11.75 19.55 9.39
N GLN A 163 10.60 19.78 10.03
CA GLN A 163 9.37 20.15 9.33
C GLN A 163 8.75 21.36 10.02
N SER A 164 8.21 22.27 9.22
CA SER A 164 7.71 23.54 9.74
C SER A 164 6.39 23.36 10.48
N TYR A 165 6.15 24.26 11.44
CA TYR A 165 4.85 24.34 12.11
C TYR A 165 3.86 25.06 11.20
N GLY A 166 2.79 24.38 10.82
CA GLY A 166 1.77 24.99 10.01
C GLY A 166 0.60 25.55 10.80
N PHE A 167 0.84 26.54 11.66
CA PHE A 167 -0.23 27.13 12.46
C PHE A 167 -0.57 28.53 11.97
N GLN A 168 -1.64 29.07 12.55
CA GLN A 168 -2.23 30.32 12.09
C GLN A 168 -3.19 30.80 13.17
N PRO A 169 -3.64 32.06 13.10
CA PRO A 169 -4.52 32.58 14.17
C PRO A 169 -5.96 32.10 14.08
N THR A 170 -6.22 31.08 13.25
CA THR A 170 -7.56 30.51 13.13
C THR A 170 -7.56 29.02 13.44
N ASN A 171 -6.62 28.57 14.26
CA ASN A 171 -6.52 27.16 14.61
C ASN A 171 -7.47 26.86 15.79
N GLY A 172 -7.33 25.65 16.35
CA GLY A 172 -8.21 25.22 17.43
C GLY A 172 -7.84 25.77 18.78
N VAL A 173 -7.96 24.95 19.82
CA VAL A 173 -7.66 25.37 21.18
C VAL A 173 -6.39 24.72 21.70
N GLY A 174 -6.15 23.45 21.37
CA GLY A 174 -4.97 22.73 21.76
C GLY A 174 -3.85 22.74 20.74
N TYR A 175 -3.94 23.61 19.72
CA TYR A 175 -2.91 23.69 18.70
C TYR A 175 -2.38 25.09 18.47
N GLN A 176 -2.98 26.11 19.08
CA GLN A 176 -2.45 27.46 18.95
C GLN A 176 -1.12 27.57 19.69
N PRO A 177 -0.26 28.48 19.27
CA PRO A 177 1.07 28.57 19.90
C PRO A 177 0.97 28.94 21.37
N TYR A 178 1.88 28.40 22.16
CA TYR A 178 2.02 28.74 23.58
C TYR A 178 3.50 28.97 23.83
N ARG A 179 3.92 30.23 23.88
CA ARG A 179 5.32 30.53 24.10
C ARG A 179 5.73 30.07 25.50
N VAL A 180 6.86 29.40 25.58
CA VAL A 180 7.31 28.73 26.81
C VAL A 180 8.64 29.32 27.22
N VAL A 181 8.77 29.64 28.51
CA VAL A 181 10.00 30.17 29.08
C VAL A 181 10.42 29.24 30.21
N VAL A 182 11.65 28.75 30.14
CA VAL A 182 12.21 27.90 31.18
C VAL A 182 13.35 28.66 31.84
N LEU A 183 13.18 28.96 33.12
CA LEU A 183 14.22 29.62 33.91
C LEU A 183 14.96 28.53 34.68
N SER A 184 16.17 28.21 34.23
CA SER A 184 16.96 27.14 34.82
C SER A 184 17.89 27.72 35.87
N PHE A 185 17.77 27.20 37.09
CA PHE A 185 18.71 27.49 38.17
C PHE A 185 19.96 26.65 37.99
N GLU A 186 20.84 26.69 38.98
CA GLU A 186 21.89 25.70 39.13
C GLU A 186 22.12 25.40 40.60
N LEU A 187 22.35 24.11 40.89
CA LEU A 187 22.81 23.66 42.20
C LEU A 187 24.22 23.13 42.03
N LEU A 188 25.20 23.83 42.60
CA LEU A 188 26.60 23.41 42.55
C LEU A 188 27.32 24.06 43.72
N HIS A 189 28.66 23.98 43.71
CA HIS A 189 29.47 24.51 44.79
C HIS A 189 29.92 25.95 44.54
N ALA A 190 29.14 26.71 43.77
CA ALA A 190 29.47 28.10 43.46
C ALA A 190 28.53 29.06 44.18
N PRO A 191 28.99 30.24 44.53
CA PRO A 191 28.11 31.21 45.21
C PRO A 191 26.99 31.70 44.31
N ALA A 192 25.88 32.06 44.93
CA ALA A 192 24.73 32.57 44.21
C ALA A 192 24.98 34.00 43.75
N THR A 193 24.73 34.27 42.46
CA THR A 193 24.92 35.60 41.90
C THR A 193 23.61 36.36 41.78
N VAL A 194 22.65 35.80 41.06
CA VAL A 194 21.34 36.44 40.92
C VAL A 194 20.63 36.38 42.26
N CYS A 195 20.53 37.52 42.94
CA CYS A 195 19.89 37.58 44.24
C CYS A 195 19.23 38.94 44.42
N GLY A 196 18.33 39.02 45.40
CA GLY A 196 17.71 40.27 45.75
C GLY A 196 16.20 40.20 45.83
N PRO A 197 15.59 41.10 46.62
CA PRO A 197 14.13 41.16 46.77
C PRO A 197 13.42 41.46 45.47
N MET B 2 3.48 -7.41 13.28
CA MET B 2 3.94 -7.70 11.93
C MET B 2 2.77 -7.84 10.97
N GLN B 3 1.58 -7.49 11.45
CA GLN B 3 0.36 -7.57 10.67
C GLN B 3 -0.04 -6.18 10.19
N LEU B 4 -0.87 -6.15 9.14
CA LEU B 4 -1.37 -4.89 8.60
C LEU B 4 -2.69 -5.20 7.88
N VAL B 5 -3.80 -4.83 8.50
CA VAL B 5 -5.11 -5.12 7.94
C VAL B 5 -5.59 -3.89 7.16
N GLN B 6 -6.44 -4.15 6.17
CA GLN B 6 -7.03 -3.10 5.34
C GLN B 6 -8.54 -3.24 5.37
N SER B 7 -9.22 -2.15 5.03
CA SER B 7 -10.67 -2.10 5.10
C SER B 7 -11.31 -3.02 4.06
N GLY B 8 -12.62 -3.11 4.12
CA GLY B 8 -13.36 -3.96 3.21
C GLY B 8 -13.44 -3.35 1.83
N PRO B 9 -13.88 -4.18 0.87
CA PRO B 9 -14.01 -3.70 -0.51
C PRO B 9 -15.05 -2.60 -0.63
N GLU B 10 -14.60 -1.39 -0.94
CA GLU B 10 -15.49 -0.25 -1.07
C GLU B 10 -16.11 -0.22 -2.46
N VAL B 11 -17.30 0.37 -2.54
CA VAL B 11 -18.01 0.55 -3.79
C VAL B 11 -18.36 2.02 -3.92
N LYS B 12 -18.11 2.60 -5.10
CA LYS B 12 -18.33 4.03 -5.29
C LYS B 12 -19.16 4.30 -6.53
N LYS B 13 -19.24 5.56 -6.93
CA LYS B 13 -19.98 6.01 -8.10
C LYS B 13 -19.01 6.69 -9.06
N PRO B 14 -19.36 6.81 -10.34
CA PRO B 14 -18.35 7.21 -11.33
C PRO B 14 -17.89 8.65 -11.19
N GLY B 15 -17.07 8.93 -10.18
CA GLY B 15 -16.45 10.23 -10.06
C GLY B 15 -16.80 11.04 -8.84
N THR B 16 -17.06 10.40 -7.70
CA THR B 16 -17.37 11.12 -6.48
C THR B 16 -16.16 11.32 -5.58
N SER B 17 -15.61 10.23 -5.05
CA SER B 17 -14.49 10.27 -4.10
C SER B 17 -14.17 8.83 -3.71
N VAL B 18 -13.09 8.66 -2.95
CA VAL B 18 -12.77 7.38 -2.31
C VAL B 18 -11.71 7.60 -1.24
N LYS B 19 -11.67 6.71 -0.26
CA LYS B 19 -10.67 6.75 0.80
C LYS B 19 -10.43 5.34 1.30
N VAL B 20 -9.17 5.01 1.57
CA VAL B 20 -8.77 3.66 1.98
C VAL B 20 -7.94 3.76 3.26
N SER B 21 -7.97 2.69 4.05
CA SER B 21 -7.34 2.67 5.37
C SER B 21 -6.42 1.47 5.51
N CYS B 22 -5.16 1.72 5.83
CA CYS B 22 -4.19 0.68 6.19
C CYS B 22 -3.79 0.88 7.65
N LYS B 23 -4.21 -0.05 8.51
CA LYS B 23 -3.80 0.00 9.91
C LYS B 23 -2.44 -0.65 10.08
N ALA B 24 -1.50 0.09 10.66
CA ALA B 24 -0.14 -0.39 10.85
C ALA B 24 0.04 -0.87 12.28
N SER B 25 0.53 -2.10 12.43
CA SER B 25 0.70 -2.69 13.75
C SER B 25 1.92 -3.61 13.72
N GLY B 26 2.48 -3.85 14.91
CA GLY B 26 3.61 -4.74 15.07
C GLY B 26 4.95 -4.09 14.84
N PHE B 27 4.99 -2.83 14.41
CA PHE B 27 6.24 -2.11 14.21
C PHE B 27 6.01 -0.65 14.55
N THR B 28 7.08 0.03 14.95
CA THR B 28 6.97 1.43 15.35
C THR B 28 6.54 2.27 14.17
N PHE B 29 5.34 2.82 14.26
CA PHE B 29 4.75 3.66 13.23
C PHE B 29 5.08 5.14 13.42
N THR B 30 5.74 5.49 14.53
CA THR B 30 6.07 6.88 14.80
C THR B 30 7.08 7.41 13.79
N SER B 31 8.11 6.62 13.48
CA SER B 31 9.16 7.02 12.55
C SER B 31 9.33 5.92 11.51
N SER B 32 8.57 6.02 10.42
CA SER B 32 8.62 5.03 9.36
C SER B 32 8.22 5.72 8.06
N ALA B 33 7.90 4.92 7.05
CA ALA B 33 7.42 5.42 5.77
C ALA B 33 6.34 4.49 5.26
N VAL B 34 5.45 5.03 4.42
CA VAL B 34 4.35 4.27 3.85
C VAL B 34 4.23 4.62 2.37
N GLN B 35 3.98 3.61 1.54
CA GLN B 35 3.80 3.79 0.11
C GLN B 35 2.49 3.14 -0.31
N TRP B 36 1.95 3.61 -1.44
CA TRP B 36 0.68 3.12 -1.95
C TRP B 36 0.84 2.85 -3.44
N VAL B 37 0.23 1.76 -3.92
CA VAL B 37 0.41 1.33 -5.30
C VAL B 37 -0.94 1.08 -5.95
N ARG B 38 -0.93 0.57 -7.19
CA ARG B 38 -2.14 0.20 -7.91
C ARG B 38 -1.97 -1.24 -8.37
N GLN B 39 -3.08 -1.93 -8.60
CA GLN B 39 -3.04 -3.26 -9.19
C GLN B 39 -4.34 -3.47 -9.96
N ALA B 40 -4.49 -4.64 -10.56
CA ALA B 40 -5.68 -4.96 -11.36
C ALA B 40 -5.69 -6.48 -11.55
N ARG B 41 -6.59 -6.95 -12.42
CA ARG B 41 -6.63 -8.36 -12.77
C ARG B 41 -5.78 -8.59 -14.02
N GLY B 42 -4.80 -9.47 -13.91
CA GLY B 42 -3.92 -9.76 -15.04
C GLY B 42 -3.22 -8.55 -15.61
N GLN B 43 -2.81 -7.62 -14.76
CA GLN B 43 -2.16 -6.40 -15.22
C GLN B 43 -0.92 -6.08 -14.40
N ARG B 44 -0.24 -4.99 -14.75
CA ARG B 44 1.02 -4.62 -14.12
C ARG B 44 0.75 -3.80 -12.85
N LEU B 45 1.82 -3.34 -12.22
CA LEU B 45 1.76 -2.53 -11.02
C LEU B 45 2.29 -1.14 -11.31
N GLU B 46 1.55 -0.13 -10.87
CA GLU B 46 1.96 1.28 -11.01
C GLU B 46 2.06 1.92 -9.64
N TRP B 47 3.27 2.32 -9.28
CA TRP B 47 3.51 3.12 -8.08
C TRP B 47 2.74 4.43 -8.16
N ILE B 48 2.11 4.79 -7.04
CA ILE B 48 1.22 5.95 -6.98
C ILE B 48 1.83 7.08 -6.15
N GLY B 49 2.06 6.85 -4.87
CA GLY B 49 2.53 7.92 -4.00
C GLY B 49 3.10 7.44 -2.67
N TRP B 50 4.26 7.98 -2.31
CA TRP B 50 4.92 7.60 -1.08
C TRP B 50 4.63 8.62 0.02
N ILE B 51 4.59 8.13 1.25
CA ILE B 51 4.36 8.95 2.43
C ILE B 51 5.50 8.77 3.42
N VAL B 52 6.38 9.76 3.54
CA VAL B 52 7.16 9.81 4.76
C VAL B 52 6.19 10.10 5.90
N VAL B 53 5.97 9.11 6.75
CA VAL B 53 4.90 9.19 7.73
C VAL B 53 5.42 9.64 9.09
N GLY B 54 6.73 9.56 9.31
CA GLY B 54 7.30 10.24 10.45
C GLY B 54 7.06 11.74 10.38
N SER B 55 7.14 12.31 9.17
CA SER B 55 6.82 13.70 8.93
C SER B 55 6.38 13.86 7.49
N GLY B 56 5.18 14.38 7.31
CA GLY B 56 4.51 14.30 6.02
C GLY B 56 5.20 15.12 4.95
N ASN B 57 5.64 14.41 3.91
CA ASN B 57 6.17 14.99 2.69
C ASN B 57 5.95 13.96 1.58
N THR B 58 5.27 14.35 0.50
CA THR B 58 4.81 13.37 -0.46
C THR B 58 4.93 13.89 -1.89
N ASN B 59 5.10 12.95 -2.81
CA ASN B 59 5.05 13.22 -4.23
C ASN B 59 4.09 12.22 -4.88
N TYR B 60 3.94 12.27 -6.20
CA TYR B 60 2.98 11.41 -6.88
C TYR B 60 3.47 11.13 -8.29
N ALA B 61 2.90 10.10 -8.90
CA ALA B 61 3.28 9.70 -10.25
C ALA B 61 2.70 10.68 -11.26
N GLN B 62 3.16 10.54 -12.51
CA GLN B 62 2.81 11.51 -13.55
C GLN B 62 1.31 11.56 -13.83
N LYS B 63 0.60 10.45 -13.65
CA LYS B 63 -0.84 10.44 -13.85
C LYS B 63 -1.59 10.73 -12.56
N PHE B 64 -0.88 10.84 -11.43
CA PHE B 64 -1.52 10.98 -10.13
C PHE B 64 -1.13 12.26 -9.40
N GLN B 65 -0.52 13.23 -10.07
CA GLN B 65 -0.26 14.51 -9.42
C GLN B 65 -1.56 15.18 -9.00
N GLU B 66 -2.56 15.14 -9.86
CA GLU B 66 -3.88 15.67 -9.58
C GLU B 66 -4.81 14.53 -9.19
N ARG B 67 -5.95 14.90 -8.62
CA ARG B 67 -7.02 14.00 -8.18
C ARG B 67 -6.63 13.15 -6.98
N VAL B 68 -5.42 13.31 -6.43
CA VAL B 68 -4.93 12.46 -5.35
C VAL B 68 -4.23 13.33 -4.32
N THR B 69 -4.49 13.07 -3.04
CA THR B 69 -3.63 13.57 -1.99
C THR B 69 -3.77 12.67 -0.76
N ILE B 70 -2.67 12.47 -0.05
CA ILE B 70 -2.62 11.55 1.09
C ILE B 70 -3.26 12.21 2.31
N THR B 71 -3.51 11.41 3.34
CA THR B 71 -3.99 11.90 4.63
C THR B 71 -3.19 11.21 5.73
N ARG B 72 -2.66 12.01 6.65
CA ARG B 72 -1.72 11.50 7.63
C ARG B 72 -2.40 10.61 8.67
N ASP B 73 -3.26 11.21 9.48
CA ASP B 73 -3.95 10.53 10.59
C ASP B 73 -2.96 9.76 11.46
N MET B 74 -2.13 10.53 12.19
CA MET B 74 -1.10 9.91 13.03
C MET B 74 -1.70 8.95 14.04
N SER B 75 -2.75 9.36 14.73
CA SER B 75 -3.35 8.50 15.74
C SER B 75 -4.00 7.29 15.09
N THR B 76 -4.24 6.25 15.91
CA THR B 76 -4.77 4.96 15.49
C THR B 76 -3.85 4.23 14.52
N SER B 77 -2.67 4.78 14.23
CA SER B 77 -1.68 4.16 13.35
C SER B 77 -2.29 3.71 12.03
N THR B 78 -2.84 4.64 11.26
CA THR B 78 -3.47 4.29 10.00
C THR B 78 -2.91 5.20 8.91
N ALA B 79 -3.52 5.12 7.73
CA ALA B 79 -3.12 5.97 6.60
C ALA B 79 -4.29 6.07 5.64
N TYR B 80 -4.46 7.27 5.08
CA TYR B 80 -5.57 7.56 4.18
C TYR B 80 -5.01 8.32 2.99
N MET B 81 -5.73 8.25 1.87
CA MET B 81 -5.47 9.16 0.75
C MET B 81 -6.79 9.32 0.01
N GLU B 82 -7.15 10.55 -0.34
CA GLU B 82 -8.39 10.74 -1.08
C GLU B 82 -8.07 10.80 -2.57
N LEU B 83 -8.77 9.97 -3.34
CA LEU B 83 -8.75 10.04 -4.79
C LEU B 83 -10.05 10.69 -5.24
N SER B 84 -9.94 11.72 -6.05
CA SER B 84 -11.08 12.49 -6.51
C SER B 84 -11.27 12.30 -8.00
N SER B 85 -12.46 12.61 -8.47
CA SER B 85 -12.85 12.43 -9.86
C SER B 85 -12.52 11.02 -10.33
N LEU B 86 -13.13 10.05 -9.63
CA LEU B 86 -12.86 8.65 -9.91
C LEU B 86 -13.22 8.32 -11.36
N ARG B 87 -12.35 7.57 -12.03
CA ARG B 87 -12.57 7.16 -13.40
C ARG B 87 -12.85 5.67 -13.46
N SER B 88 -13.48 5.25 -14.56
CA SER B 88 -13.91 3.87 -14.69
C SER B 88 -12.73 2.91 -14.62
N GLU B 89 -11.63 3.25 -15.28
CA GLU B 89 -10.45 2.39 -15.28
C GLU B 89 -9.62 2.59 -14.03
N ASP B 90 -10.25 2.52 -12.86
CA ASP B 90 -9.55 2.59 -11.58
C ASP B 90 -10.03 1.46 -10.66
N THR B 91 -10.49 0.36 -11.26
CA THR B 91 -10.91 -0.82 -10.52
C THR B 91 -9.65 -1.55 -10.04
N ALA B 92 -9.10 -1.06 -8.94
CA ALA B 92 -7.75 -1.41 -8.53
C ALA B 92 -7.69 -1.85 -7.07
N VAL B 93 -6.73 -2.73 -6.79
CA VAL B 93 -6.36 -3.08 -5.41
C VAL B 93 -5.21 -2.17 -5.03
N TYR B 94 -5.38 -1.40 -3.95
CA TYR B 94 -4.47 -0.29 -3.73
C TYR B 94 -3.27 -0.66 -2.89
N TYR B 95 -3.39 -1.69 -2.05
CA TYR B 95 -2.26 -2.19 -1.27
C TYR B 95 -1.63 -1.11 -0.40
N CYS B 96 -0.53 -1.45 0.26
CA CYS B 96 0.32 -0.51 0.98
C CYS B 96 1.50 -1.27 1.55
N ALA B 97 2.61 -0.56 1.76
CA ALA B 97 3.84 -1.19 2.22
C ALA B 97 4.55 -0.27 3.21
N ALA B 98 5.48 -0.85 3.97
CA ALA B 98 6.17 -0.09 5.00
C ALA B 98 7.44 -0.82 5.40
N PRO B 99 8.51 -0.10 5.72
CA PRO B 99 9.71 -0.74 6.27
C PRO B 99 9.54 -1.07 7.75
N TYR B 100 10.19 -2.15 8.16
CA TYR B 100 10.19 -2.57 9.56
C TYR B 100 11.14 -1.67 10.37
N CYS B 101 10.57 -0.59 10.91
CA CYS B 101 11.39 0.36 11.64
C CYS B 101 11.10 0.31 13.13
N SER B 102 12.16 0.19 13.92
CA SER B 102 12.04 0.13 15.38
C SER B 102 13.34 0.67 15.98
N GLY B 103 13.31 1.92 16.43
CA GLY B 103 14.41 2.52 17.16
C GLY B 103 15.09 3.71 16.49
N GLY B 104 14.92 3.93 15.19
CA GLY B 104 15.53 5.07 14.54
C GLY B 104 16.29 4.70 13.27
N SER B 105 16.75 3.47 13.19
CA SER B 105 17.42 2.98 11.99
C SER B 105 16.79 1.63 11.63
N CYS B 106 16.56 1.41 10.34
CA CYS B 106 15.69 0.30 9.98
C CYS B 106 15.96 -0.19 8.57
N PHE B 107 15.23 -1.25 8.23
CA PHE B 107 15.51 -2.06 7.05
C PHE B 107 15.14 -1.29 5.79
N ASP B 108 15.94 -1.47 4.73
CA ASP B 108 15.73 -0.73 3.50
C ASP B 108 14.56 -1.27 2.69
N GLY B 109 14.59 -2.57 2.37
CA GLY B 109 13.56 -3.16 1.54
C GLY B 109 12.15 -3.04 2.09
N PHE B 110 11.20 -2.66 1.22
CA PHE B 110 9.83 -2.51 1.66
C PHE B 110 9.22 -3.88 1.93
N ASP B 111 9.26 -4.30 3.20
CA ASP B 111 9.02 -5.69 3.57
C ASP B 111 7.66 -5.93 4.23
N ILE B 112 7.08 -4.93 4.89
CA ILE B 112 5.80 -5.08 5.57
C ILE B 112 4.71 -4.60 4.62
N TRP B 113 3.86 -5.52 4.18
CA TRP B 113 2.81 -5.25 3.21
C TRP B 113 1.44 -5.52 3.82
N GLY B 114 0.40 -5.32 3.01
CA GLY B 114 -0.97 -5.56 3.39
C GLY B 114 -1.63 -6.49 2.40
N GLN B 115 -2.93 -6.32 2.23
CA GLN B 115 -3.69 -7.12 1.28
C GLN B 115 -4.51 -6.31 0.31
N GLY B 116 -4.89 -5.09 0.65
CA GLY B 116 -5.57 -4.22 -0.28
C GLY B 116 -7.08 -4.38 -0.27
N THR B 117 -7.75 -3.40 -0.88
CA THR B 117 -9.19 -3.37 -1.02
C THR B 117 -9.57 -3.67 -2.46
N MET B 118 -10.87 -3.57 -2.76
CA MET B 118 -11.38 -3.82 -4.09
C MET B 118 -12.44 -2.77 -4.39
N VAL B 119 -12.09 -1.80 -5.24
CA VAL B 119 -12.97 -0.69 -5.58
C VAL B 119 -13.48 -0.90 -6.99
N THR B 120 -14.79 -0.80 -7.19
CA THR B 120 -15.41 -0.98 -8.49
C THR B 120 -16.35 0.20 -8.75
N VAL B 121 -15.94 1.09 -9.64
CA VAL B 121 -16.71 2.32 -9.91
C VAL B 121 -17.68 1.98 -11.03
N SER B 122 -18.82 1.42 -10.63
CA SER B 122 -19.85 0.98 -11.57
C SER B 122 -21.14 1.75 -11.31
N SER B 123 -22.22 1.33 -11.96
CA SER B 123 -23.53 1.90 -11.69
C SER B 123 -24.01 1.59 -10.29
N ALA B 124 -23.38 0.66 -9.58
CA ALA B 124 -23.60 0.28 -8.20
C ALA B 124 -24.93 -0.42 -7.96
N SER B 125 -25.68 -0.74 -9.01
CA SER B 125 -26.91 -1.50 -8.87
C SER B 125 -26.52 -2.95 -8.59
N THR B 126 -26.57 -3.35 -7.32
CA THR B 126 -26.15 -4.69 -6.91
C THR B 126 -27.23 -5.70 -7.31
N LYS B 127 -27.37 -5.87 -8.61
CA LYS B 127 -28.41 -6.74 -9.14
C LYS B 127 -27.99 -8.20 -9.03
N GLY B 128 -28.99 -9.06 -8.84
CA GLY B 128 -28.76 -10.48 -8.67
C GLY B 128 -28.18 -11.12 -9.90
N PRO B 129 -27.31 -12.12 -9.69
CA PRO B 129 -26.66 -12.77 -10.83
C PRO B 129 -27.66 -13.51 -11.71
N SER B 130 -27.33 -13.59 -12.99
CA SER B 130 -28.08 -14.38 -13.97
C SER B 130 -27.22 -15.58 -14.31
N VAL B 131 -27.49 -16.72 -13.67
CA VAL B 131 -26.68 -17.91 -13.82
C VAL B 131 -27.51 -18.98 -14.52
N PHE B 132 -26.82 -19.87 -15.23
CA PHE B 132 -27.50 -20.91 -15.98
C PHE B 132 -26.59 -22.13 -16.07
N PRO B 133 -27.15 -23.33 -16.20
CA PRO B 133 -26.32 -24.54 -16.22
C PRO B 133 -25.69 -24.76 -17.58
N LEU B 134 -24.69 -25.65 -17.58
CA LEU B 134 -23.99 -26.09 -18.79
C LEU B 134 -24.36 -27.56 -18.99
N ALA B 135 -25.39 -27.79 -19.79
CA ALA B 135 -25.85 -29.16 -20.03
C ALA B 135 -24.76 -29.94 -20.78
N PRO B 136 -24.29 -31.06 -20.24
CA PRO B 136 -23.21 -31.80 -20.90
C PRO B 136 -23.62 -32.28 -22.28
N SER B 137 -22.63 -32.37 -23.17
CA SER B 137 -22.85 -32.78 -24.54
C SER B 137 -23.41 -34.20 -24.64
N THR B 145 -14.40 -38.27 -21.08
CA THR B 145 -14.55 -38.06 -22.52
C THR B 145 -15.07 -36.66 -22.83
N ALA B 146 -15.42 -35.93 -21.77
CA ALA B 146 -15.98 -34.59 -21.91
C ALA B 146 -15.78 -33.85 -20.60
N ALA B 147 -16.48 -32.73 -20.44
CA ALA B 147 -16.46 -31.96 -19.22
C ALA B 147 -17.88 -31.47 -18.94
N LEU B 148 -18.04 -30.83 -17.78
CA LEU B 148 -19.34 -30.27 -17.42
C LEU B 148 -19.11 -29.17 -16.39
N GLY B 149 -20.02 -28.21 -16.35
CA GLY B 149 -19.79 -27.07 -15.49
C GLY B 149 -21.01 -26.18 -15.36
N CYS B 150 -20.73 -24.95 -14.94
CA CYS B 150 -21.76 -23.99 -14.55
C CYS B 150 -21.43 -22.65 -15.20
N LEU B 151 -22.44 -21.80 -15.37
CA LEU B 151 -22.24 -20.50 -15.98
C LEU B 151 -22.76 -19.41 -15.05
N VAL B 152 -21.94 -18.39 -14.84
CA VAL B 152 -22.30 -17.24 -14.02
C VAL B 152 -22.00 -15.97 -14.81
N LYS B 153 -22.98 -15.07 -14.89
CA LYS B 153 -22.81 -13.85 -15.66
C LYS B 153 -23.79 -12.81 -15.17
N ASP B 154 -23.51 -11.55 -15.54
CA ASP B 154 -24.45 -10.44 -15.36
C ASP B 154 -24.76 -10.20 -13.88
N TYR B 155 -23.72 -9.87 -13.11
CA TYR B 155 -23.88 -9.56 -11.70
C TYR B 155 -22.93 -8.45 -11.32
N PHE B 156 -23.27 -7.73 -10.25
CA PHE B 156 -22.41 -6.66 -9.76
C PHE B 156 -21.11 -7.26 -9.22
N PRO B 157 -19.97 -6.59 -9.43
CA PRO B 157 -18.70 -7.11 -8.92
C PRO B 157 -18.75 -7.49 -7.46
N GLU B 158 -18.68 -8.78 -7.17
CA GLU B 158 -18.88 -9.27 -5.82
C GLU B 158 -18.06 -10.52 -5.61
N PRO B 159 -17.51 -10.72 -4.41
CA PRO B 159 -16.85 -11.99 -4.09
C PRO B 159 -17.87 -13.13 -4.13
N VAL B 160 -17.65 -14.06 -5.05
CA VAL B 160 -18.57 -15.17 -5.26
C VAL B 160 -17.78 -16.48 -5.24
N THR B 161 -18.34 -17.48 -4.57
CA THR B 161 -17.71 -18.79 -4.46
C THR B 161 -18.68 -19.86 -4.95
N VAL B 162 -18.11 -20.99 -5.36
CA VAL B 162 -18.88 -22.09 -5.92
C VAL B 162 -18.58 -23.35 -5.11
N SER B 163 -19.62 -23.97 -4.59
CA SER B 163 -19.49 -25.28 -3.97
C SER B 163 -19.81 -26.36 -4.99
N TRP B 164 -19.58 -27.61 -4.60
CA TRP B 164 -19.91 -28.73 -5.47
C TRP B 164 -20.55 -29.86 -4.68
N ASN B 165 -21.50 -29.50 -3.82
CA ASN B 165 -22.49 -30.38 -3.22
C ASN B 165 -21.92 -31.45 -2.29
N SER B 166 -20.60 -31.51 -2.16
CA SER B 166 -20.01 -32.46 -1.24
C SER B 166 -18.77 -31.94 -0.52
N GLY B 167 -18.39 -30.68 -0.72
CA GLY B 167 -17.02 -30.31 -0.41
C GLY B 167 -16.02 -31.09 -1.22
N ALA B 168 -16.47 -31.64 -2.35
CA ALA B 168 -15.74 -32.59 -3.17
C ALA B 168 -16.17 -32.37 -4.61
N LEU B 169 -15.95 -33.38 -5.46
CA LEU B 169 -16.16 -33.24 -6.90
C LEU B 169 -15.35 -32.06 -7.43
N THR B 170 -14.14 -31.91 -6.88
CA THR B 170 -13.16 -30.92 -7.29
C THR B 170 -12.12 -31.53 -8.24
N SER B 171 -12.56 -32.44 -9.09
CA SER B 171 -11.70 -33.28 -9.92
C SER B 171 -11.47 -32.65 -11.28
N GLY B 172 -11.33 -31.32 -11.31
CA GLY B 172 -11.19 -30.61 -12.55
C GLY B 172 -12.03 -29.35 -12.61
N VAL B 173 -12.56 -28.95 -11.45
CA VAL B 173 -13.26 -27.67 -11.38
C VAL B 173 -12.32 -26.56 -11.84
N HIS B 174 -12.83 -25.70 -12.72
CA HIS B 174 -12.03 -24.63 -13.32
C HIS B 174 -12.79 -23.32 -13.13
N THR B 175 -12.53 -22.64 -12.02
CA THR B 175 -13.18 -21.37 -11.71
C THR B 175 -12.37 -20.25 -12.38
N PHE B 176 -12.82 -19.85 -13.57
CA PHE B 176 -12.13 -18.81 -14.32
C PHE B 176 -12.37 -17.45 -13.68
N PRO B 177 -11.46 -16.49 -13.89
CA PRO B 177 -11.58 -15.19 -13.20
C PRO B 177 -12.75 -14.35 -13.69
N ALA B 178 -12.88 -13.14 -13.15
CA ALA B 178 -14.00 -12.26 -13.41
C ALA B 178 -13.64 -11.25 -14.49
N VAL B 179 -14.50 -11.13 -15.50
CA VAL B 179 -14.28 -10.23 -16.63
C VAL B 179 -15.43 -9.23 -16.68
N LEU B 180 -15.07 -7.94 -16.81
CA LEU B 180 -16.07 -6.89 -16.87
C LEU B 180 -16.86 -6.98 -18.17
N GLN B 181 -18.13 -6.60 -18.09
CA GLN B 181 -18.99 -6.54 -19.26
C GLN B 181 -19.06 -5.10 -19.78
N SER B 182 -19.91 -4.89 -20.78
CA SER B 182 -20.00 -3.57 -21.41
C SER B 182 -20.51 -2.51 -20.44
N SER B 183 -21.51 -2.85 -19.63
CA SER B 183 -22.17 -1.89 -18.75
C SER B 183 -21.58 -1.86 -17.35
N GLY B 184 -20.50 -2.59 -17.10
CA GLY B 184 -19.92 -2.69 -15.78
C GLY B 184 -20.29 -3.93 -15.00
N LEU B 185 -20.97 -4.89 -15.63
CA LEU B 185 -21.33 -6.13 -14.98
C LEU B 185 -20.14 -7.09 -14.93
N TYR B 186 -20.33 -8.21 -14.25
CA TYR B 186 -19.26 -9.19 -14.08
C TYR B 186 -19.75 -10.56 -14.51
N SER B 187 -18.80 -11.42 -14.87
CA SER B 187 -19.10 -12.77 -15.32
C SER B 187 -17.89 -13.66 -15.11
N LEU B 188 -18.16 -14.96 -14.98
CA LEU B 188 -17.11 -15.98 -14.85
C LEU B 188 -17.72 -17.34 -15.19
N SER B 189 -17.00 -18.41 -14.89
CA SER B 189 -17.51 -19.75 -15.12
C SER B 189 -16.81 -20.72 -14.19
N SER B 190 -17.43 -21.90 -14.04
CA SER B 190 -16.89 -22.97 -13.20
C SER B 190 -17.20 -24.29 -13.88
N VAL B 191 -16.19 -24.93 -14.45
CA VAL B 191 -16.35 -26.17 -15.20
C VAL B 191 -15.46 -27.23 -14.59
N VAL B 192 -15.97 -28.46 -14.49
CA VAL B 192 -15.23 -29.60 -13.97
C VAL B 192 -15.19 -30.68 -15.04
N THR B 193 -14.01 -31.24 -15.29
CA THR B 193 -13.89 -32.34 -16.21
C THR B 193 -14.47 -33.61 -15.59
N VAL B 194 -15.05 -34.45 -16.44
CA VAL B 194 -15.81 -35.60 -15.94
C VAL B 194 -14.88 -36.52 -15.17
N PRO B 195 -15.31 -37.09 -14.05
CA PRO B 195 -14.48 -38.12 -13.39
C PRO B 195 -14.21 -39.32 -14.30
N SER B 196 -15.16 -39.68 -15.14
CA SER B 196 -15.03 -40.77 -16.10
C SER B 196 -16.20 -40.65 -17.08
N SER B 197 -16.38 -41.65 -17.92
CA SER B 197 -17.53 -41.71 -18.82
C SER B 197 -18.77 -42.12 -18.02
N SER B 198 -19.26 -41.17 -17.23
CA SER B 198 -20.42 -41.35 -16.36
C SER B 198 -21.62 -40.56 -16.90
N LEU B 199 -21.79 -40.58 -18.22
CA LEU B 199 -22.77 -39.70 -18.86
C LEU B 199 -24.19 -40.02 -18.44
N GLY B 200 -24.51 -41.30 -18.26
CA GLY B 200 -25.87 -41.70 -18.00
C GLY B 200 -26.17 -41.99 -16.55
N THR B 201 -25.43 -41.37 -15.64
CA THR B 201 -25.52 -41.72 -14.23
C THR B 201 -25.33 -40.47 -13.39
N GLN B 202 -25.89 -40.50 -12.18
CA GLN B 202 -25.73 -39.55 -11.07
C GLN B 202 -26.15 -38.14 -11.42
N THR B 203 -26.26 -37.29 -10.39
CA THR B 203 -26.66 -35.90 -10.54
C THR B 203 -25.64 -35.00 -9.89
N TYR B 204 -25.44 -33.83 -10.49
CA TYR B 204 -24.50 -32.83 -10.01
C TYR B 204 -25.25 -31.62 -9.49
N ILE B 205 -24.52 -30.72 -8.83
CA ILE B 205 -25.08 -29.49 -8.30
C ILE B 205 -24.14 -28.33 -8.60
N CYS B 206 -24.72 -27.20 -9.00
CA CYS B 206 -23.98 -25.97 -9.26
C CYS B 206 -24.02 -25.04 -8.06
N ASN B 207 -23.94 -25.59 -6.85
CA ASN B 207 -24.10 -24.82 -5.63
C ASN B 207 -23.21 -23.57 -5.63
N VAL B 208 -23.85 -22.40 -5.62
CA VAL B 208 -23.16 -21.12 -5.63
C VAL B 208 -23.82 -20.20 -4.61
N ASN B 209 -23.00 -19.50 -3.83
CA ASN B 209 -23.49 -18.49 -2.91
C ASN B 209 -23.17 -17.10 -3.45
N HIS B 210 -23.77 -16.10 -2.81
CA HIS B 210 -23.54 -14.70 -3.17
C HIS B 210 -23.67 -13.90 -1.89
N LYS B 211 -22.56 -13.35 -1.39
CA LYS B 211 -22.56 -12.84 -0.02
C LYS B 211 -23.30 -11.51 0.14
N PRO B 212 -23.07 -10.47 -0.68
CA PRO B 212 -23.75 -9.20 -0.39
C PRO B 212 -25.25 -9.28 -0.56
N SER B 213 -25.69 -9.70 -1.75
CA SER B 213 -27.11 -9.94 -2.01
C SER B 213 -27.36 -11.41 -1.71
N ASN B 214 -27.66 -11.70 -0.45
CA ASN B 214 -27.71 -13.08 0.04
C ASN B 214 -28.65 -13.95 -0.78
N THR B 215 -28.08 -14.93 -1.48
CA THR B 215 -28.86 -15.92 -2.22
C THR B 215 -28.02 -17.18 -2.34
N LYS B 216 -28.71 -18.30 -2.55
CA LYS B 216 -28.07 -19.60 -2.68
C LYS B 216 -28.69 -20.28 -3.90
N VAL B 217 -28.12 -20.01 -5.07
CA VAL B 217 -28.61 -20.62 -6.30
C VAL B 217 -28.11 -22.05 -6.39
N ASP B 218 -29.02 -22.98 -6.65
CA ASP B 218 -28.69 -24.40 -6.74
C ASP B 218 -29.36 -24.96 -8.00
N LYS B 219 -28.57 -25.23 -9.02
CA LYS B 219 -29.06 -25.84 -10.25
C LYS B 219 -28.41 -27.21 -10.43
N LYS B 220 -29.23 -28.23 -10.61
CA LYS B 220 -28.75 -29.60 -10.76
C LYS B 220 -28.50 -29.86 -12.24
N VAL B 221 -27.23 -29.95 -12.63
CA VAL B 221 -26.89 -30.13 -14.03
C VAL B 221 -27.13 -31.57 -14.45
N GLU B 222 -27.81 -31.76 -15.57
CA GLU B 222 -28.07 -33.09 -16.09
C GLU B 222 -28.33 -33.00 -17.58
N PRO B 223 -27.93 -33.99 -18.38
CA PRO B 223 -28.21 -33.99 -19.82
C PRO B 223 -29.66 -34.31 -20.14
N GLU C 1 13.35 6.97 -18.21
CA GLU C 1 13.41 6.40 -16.87
C GLU C 1 12.83 4.99 -16.84
N ILE C 2 11.85 4.74 -17.69
CA ILE C 2 11.18 3.44 -17.75
C ILE C 2 11.45 2.84 -19.13
N VAL C 3 12.56 2.13 -19.25
CA VAL C 3 12.85 1.31 -20.42
C VAL C 3 13.34 -0.04 -19.93
N LEU C 4 13.00 -0.39 -18.69
CA LEU C 4 13.58 -1.55 -18.02
C LEU C 4 13.36 -2.83 -18.82
N THR C 5 12.10 -3.26 -18.95
CA THR C 5 11.72 -4.36 -19.83
C THR C 5 12.66 -5.56 -19.66
N GLN C 6 12.57 -6.16 -18.48
CA GLN C 6 13.35 -7.34 -18.13
C GLN C 6 13.41 -8.34 -19.27
N SER C 7 14.62 -8.65 -19.70
CA SER C 7 14.83 -9.40 -20.95
C SER C 7 14.05 -10.71 -21.04
N PRO C 8 14.03 -11.57 -20.02
CA PRO C 8 13.31 -12.84 -20.17
C PRO C 8 11.81 -12.64 -20.26
N GLY C 9 11.16 -13.56 -20.98
CA GLY C 9 9.72 -13.57 -21.08
C GLY C 9 9.12 -14.67 -20.23
N THR C 10 8.76 -15.79 -20.86
CA THR C 10 8.27 -16.97 -20.16
C THR C 10 9.26 -18.11 -20.37
N LEU C 11 9.75 -18.68 -19.28
CA LEU C 11 10.69 -19.78 -19.32
C LEU C 11 10.09 -20.97 -18.58
N SER C 12 10.35 -22.17 -19.09
CA SER C 12 9.66 -23.37 -18.60
C SER C 12 10.63 -24.53 -18.52
N LEU C 13 11.02 -24.90 -17.30
CA LEU C 13 11.73 -26.14 -17.07
C LEU C 13 11.60 -26.50 -15.60
N SER C 14 11.55 -27.81 -15.32
CA SER C 14 11.45 -28.30 -13.96
C SER C 14 12.72 -27.93 -13.19
N PRO C 15 12.76 -28.17 -11.88
CA PRO C 15 14.00 -27.99 -11.13
C PRO C 15 15.17 -28.71 -11.79
N GLY C 16 16.29 -28.02 -11.86
CA GLY C 16 17.36 -28.40 -12.76
C GLY C 16 17.69 -27.20 -13.63
N GLU C 17 17.31 -26.02 -13.15
CA GLU C 17 17.51 -24.77 -13.86
C GLU C 17 18.77 -24.07 -13.36
N ARG C 18 19.44 -23.39 -14.29
CA ARG C 18 20.47 -22.40 -13.97
C ARG C 18 20.02 -21.02 -14.44
N ALA C 19 18.70 -20.83 -14.49
CA ALA C 19 18.11 -19.69 -15.19
C ALA C 19 18.51 -18.38 -14.53
N THR C 20 18.52 -17.32 -15.34
CA THR C 20 18.85 -15.99 -14.87
C THR C 20 17.89 -15.00 -15.51
N LEU C 21 17.60 -13.93 -14.77
CA LEU C 21 16.78 -12.84 -15.27
C LEU C 21 17.56 -11.54 -15.18
N SER C 22 17.23 -10.60 -16.05
CA SER C 22 17.94 -9.33 -16.15
C SER C 22 16.99 -8.18 -15.95
N CYS C 23 17.42 -7.16 -15.21
CA CYS C 23 16.69 -5.91 -15.04
C CYS C 23 17.53 -4.81 -15.67
N ARG C 24 17.37 -4.63 -16.98
CA ARG C 24 18.06 -3.55 -17.66
C ARG C 24 17.54 -2.20 -17.18
N ALA C 25 18.39 -1.19 -17.24
CA ALA C 25 18.06 0.12 -16.70
C ALA C 25 18.29 1.20 -17.76
N SER C 26 17.56 2.30 -17.60
CA SER C 26 17.76 3.46 -18.47
C SER C 26 19.12 4.09 -18.22
N GLN C 27 19.34 4.55 -16.99
CA GLN C 27 20.64 5.03 -16.55
C GLN C 27 21.09 4.17 -15.38
N SER C 28 22.41 3.95 -15.29
CA SER C 28 22.96 3.09 -14.25
C SER C 28 22.58 3.61 -12.87
N VAL C 29 21.72 2.88 -12.16
CA VAL C 29 21.23 3.28 -10.85
C VAL C 29 22.23 2.85 -9.79
N SER C 30 22.39 3.69 -8.77
CA SER C 30 23.27 3.34 -7.65
C SER C 30 22.72 2.13 -6.91
N SER C 31 23.60 1.18 -6.63
CA SER C 31 23.19 -0.05 -5.96
C SER C 31 22.80 0.23 -4.51
N SER C 32 22.20 -0.77 -3.88
CA SER C 32 21.68 -0.77 -2.51
C SER C 32 20.45 0.12 -2.35
N TYR C 33 20.08 0.88 -3.38
CA TYR C 33 18.75 1.46 -3.51
C TYR C 33 17.91 0.70 -4.53
N LEU C 34 18.09 -0.61 -4.59
CA LEU C 34 17.33 -1.48 -5.47
C LEU C 34 16.47 -2.41 -4.63
N ALA C 35 15.75 -3.29 -5.32
CA ALA C 35 14.92 -4.30 -4.68
C ALA C 35 14.48 -5.28 -5.74
N TRP C 36 14.00 -6.44 -5.29
CA TRP C 36 13.52 -7.46 -6.23
C TRP C 36 12.37 -8.21 -5.54
N TYR C 37 11.16 -7.76 -5.80
CA TYR C 37 9.99 -8.35 -5.16
C TYR C 37 9.66 -9.68 -5.84
N GLN C 38 8.61 -10.33 -5.37
CA GLN C 38 8.18 -11.60 -5.95
C GLN C 38 6.68 -11.73 -5.72
N GLN C 39 5.89 -11.39 -6.74
CA GLN C 39 4.45 -11.49 -6.66
C GLN C 39 4.02 -12.95 -6.75
N LYS C 40 2.82 -13.24 -6.23
CA LYS C 40 2.28 -14.58 -6.23
C LYS C 40 0.82 -14.52 -6.67
N PRO C 41 0.30 -15.59 -7.27
CA PRO C 41 -1.09 -15.56 -7.74
C PRO C 41 -2.10 -15.44 -6.60
N GLY C 42 -2.79 -14.31 -6.55
CA GLY C 42 -3.84 -14.10 -5.56
C GLY C 42 -3.38 -13.67 -4.19
N GLN C 43 -2.13 -13.24 -4.04
CA GLN C 43 -1.60 -12.82 -2.75
C GLN C 43 -0.82 -11.53 -2.95
N ALA C 44 -0.09 -11.16 -1.95
CA ALA C 44 0.82 -10.04 -1.91
C ALA C 44 2.24 -10.49 -2.24
N PRO C 45 3.07 -9.59 -2.77
CA PRO C 45 4.45 -9.98 -3.09
C PRO C 45 5.32 -10.13 -1.86
N ARG C 46 6.61 -10.37 -2.08
CA ARG C 46 7.59 -10.48 -1.00
C ARG C 46 8.84 -9.70 -1.37
N LEU C 47 9.92 -9.88 -0.62
CA LEU C 47 11.21 -9.23 -0.92
C LEU C 47 12.32 -10.27 -0.85
N LEU C 48 13.15 -10.34 -1.90
CA LEU C 48 14.18 -11.36 -1.99
C LEU C 48 15.58 -10.81 -1.77
N ILE C 49 16.01 -9.83 -2.54
CA ILE C 49 17.33 -9.23 -2.41
C ILE C 49 17.19 -7.72 -2.38
N TYR C 50 17.64 -7.10 -1.29
CA TYR C 50 17.41 -5.68 -1.07
C TYR C 50 18.66 -4.86 -1.45
N GLY C 51 18.93 -4.84 -2.75
CA GLY C 51 19.92 -3.91 -3.26
C GLY C 51 21.13 -4.52 -3.94
N ALA C 52 21.01 -5.76 -4.39
CA ALA C 52 22.06 -6.46 -5.13
C ALA C 52 23.37 -6.52 -4.37
N SER C 53 23.33 -6.48 -3.04
CA SER C 53 24.54 -6.62 -2.24
C SER C 53 24.33 -7.45 -0.98
N SER C 54 23.21 -8.15 -0.84
CA SER C 54 22.89 -8.92 0.36
C SER C 54 21.79 -9.90 -0.01
N ARG C 55 21.18 -10.51 1.00
CA ARG C 55 19.91 -11.20 0.86
C ARG C 55 19.02 -10.80 2.02
N ALA C 56 17.71 -10.83 1.79
CA ALA C 56 16.75 -10.43 2.81
C ALA C 56 16.85 -11.30 4.05
N THR C 57 16.13 -10.92 5.12
CA THR C 57 16.30 -11.56 6.43
C THR C 57 16.21 -13.08 6.33
N GLY C 58 15.04 -13.59 5.96
CA GLY C 58 14.91 -15.04 5.82
C GLY C 58 13.94 -15.46 4.73
N PHE C 59 14.44 -16.23 3.77
CA PHE C 59 13.71 -16.70 2.62
C PHE C 59 14.40 -17.92 2.05
N PRO C 60 13.72 -18.72 1.23
CA PRO C 60 14.34 -19.95 0.72
C PRO C 60 15.62 -19.66 -0.03
N ASP C 61 16.57 -20.59 0.09
CA ASP C 61 17.92 -20.38 -0.40
C ASP C 61 18.07 -20.90 -1.82
N ARG C 62 19.32 -21.01 -2.27
CA ARG C 62 19.74 -21.54 -3.57
C ARG C 62 19.56 -20.55 -4.72
N PHE C 63 19.38 -19.27 -4.44
CA PHE C 63 19.45 -18.27 -5.51
C PHE C 63 19.72 -16.89 -4.92
N SER C 64 20.73 -16.21 -5.47
CA SER C 64 21.03 -14.82 -5.15
C SER C 64 21.91 -14.23 -6.24
N GLY C 65 21.42 -13.20 -6.93
CA GLY C 65 22.14 -12.64 -8.06
C GLY C 65 22.25 -11.13 -7.97
N SER C 66 23.27 -10.61 -8.62
CA SER C 66 23.55 -9.18 -8.59
C SER C 66 24.16 -8.77 -9.93
N GLY C 67 24.10 -7.47 -10.21
CA GLY C 67 24.61 -6.96 -11.47
C GLY C 67 25.14 -5.54 -11.41
N SER C 68 25.19 -4.87 -12.56
CA SER C 68 25.69 -3.52 -12.69
C SER C 68 24.53 -2.54 -12.72
N GLY C 69 24.83 -1.28 -13.00
CA GLY C 69 23.81 -0.25 -13.02
C GLY C 69 22.80 -0.41 -14.14
N THR C 70 23.24 -0.24 -15.39
CA THR C 70 22.34 -0.45 -16.52
C THR C 70 21.95 -1.90 -16.70
N ASP C 71 22.64 -2.84 -16.04
CA ASP C 71 22.31 -4.25 -16.10
C ASP C 71 22.37 -4.80 -14.67
N PHE C 72 21.25 -4.72 -13.96
CA PHE C 72 21.14 -5.28 -12.62
C PHE C 72 20.69 -6.73 -12.76
N THR C 73 21.63 -7.58 -13.12
CA THR C 73 21.33 -8.98 -13.39
C THR C 73 20.98 -9.72 -12.11
N LEU C 74 20.38 -10.89 -12.28
CA LEU C 74 20.05 -11.77 -11.16
C LEU C 74 20.04 -13.20 -11.68
N THR C 75 20.08 -14.16 -10.76
CA THR C 75 20.10 -15.56 -11.13
C THR C 75 19.21 -16.37 -10.21
N ILE C 76 18.81 -17.54 -10.69
CA ILE C 76 18.18 -18.57 -9.88
C ILE C 76 18.88 -19.88 -10.19
N SER C 77 19.11 -20.69 -9.16
CA SER C 77 19.91 -21.92 -9.30
C SER C 77 19.15 -23.07 -8.64
N ARG C 78 18.36 -23.78 -9.44
CA ARG C 78 17.67 -25.01 -9.02
C ARG C 78 16.76 -24.76 -7.83
N LEU C 79 15.73 -23.97 -8.05
CA LEU C 79 14.73 -23.72 -7.03
C LEU C 79 13.51 -24.64 -7.22
N GLU C 80 12.76 -24.82 -6.15
CA GLU C 80 11.65 -25.76 -6.12
C GLU C 80 10.47 -25.24 -6.93
N PRO C 81 9.60 -26.14 -7.41
CA PRO C 81 8.43 -25.70 -8.19
C PRO C 81 7.49 -24.78 -7.43
N GLU C 82 7.69 -24.62 -6.12
CA GLU C 82 6.89 -23.68 -5.35
C GLU C 82 7.11 -22.24 -5.82
N ASP C 83 8.34 -21.90 -6.20
CA ASP C 83 8.68 -20.54 -6.60
C ASP C 83 8.56 -20.40 -8.12
N PHE C 84 7.32 -20.46 -8.58
CA PHE C 84 6.99 -20.24 -9.99
C PHE C 84 5.87 -19.21 -10.04
N ALA C 85 6.24 -17.93 -10.05
CA ALA C 85 5.27 -16.84 -10.07
C ALA C 85 5.95 -15.61 -10.66
N VAL C 86 5.17 -14.55 -10.79
CA VAL C 86 5.62 -13.34 -11.47
C VAL C 86 6.54 -12.54 -10.55
N TYR C 87 7.71 -12.18 -11.07
CA TYR C 87 8.66 -11.32 -10.36
C TYR C 87 8.43 -9.87 -10.75
N TYR C 88 9.04 -8.97 -9.99
CA TYR C 88 8.93 -7.53 -10.28
C TYR C 88 10.18 -6.82 -9.76
N CYS C 89 10.94 -6.25 -10.69
CA CYS C 89 12.10 -5.45 -10.34
C CYS C 89 11.65 -4.14 -9.70
N GLN C 90 12.60 -3.34 -9.23
CA GLN C 90 12.24 -2.10 -8.55
C GLN C 90 13.41 -1.13 -8.57
N GLN C 91 13.10 0.15 -8.36
CA GLN C 91 14.11 1.19 -8.20
C GLN C 91 13.71 2.14 -7.08
N TYR C 92 14.71 2.68 -6.41
CA TYR C 92 14.54 3.72 -5.41
C TYR C 92 15.35 4.94 -5.84
N GLY C 93 15.43 5.93 -4.95
CA GLY C 93 16.32 7.06 -5.15
C GLY C 93 15.71 8.27 -5.84
N ASN C 94 15.25 8.12 -7.08
CA ASN C 94 14.73 9.24 -7.85
C ASN C 94 13.23 9.06 -8.08
N SER C 95 12.46 10.09 -7.72
CA SER C 95 11.02 10.08 -7.95
C SER C 95 10.72 10.31 -9.43
N PRO C 96 9.74 9.60 -10.00
CA PRO C 96 8.95 8.58 -9.33
C PRO C 96 9.68 7.24 -9.19
N TRP C 97 9.51 6.60 -8.03
CA TRP C 97 10.14 5.30 -7.79
C TRP C 97 9.43 4.28 -8.65
N THR C 98 10.00 3.98 -9.81
CA THR C 98 9.34 3.16 -10.81
C THR C 98 9.66 1.68 -10.60
N PHE C 99 8.68 0.84 -10.90
CA PHE C 99 8.86 -0.60 -10.90
C PHE C 99 9.22 -1.05 -12.31
N GLY C 100 9.21 -2.35 -12.56
CA GLY C 100 9.60 -2.91 -13.84
C GLY C 100 8.46 -3.64 -14.52
N GLN C 101 8.77 -4.15 -15.71
CA GLN C 101 7.80 -4.95 -16.47
C GLN C 101 7.39 -6.19 -15.69
N GLY C 102 8.34 -6.88 -15.09
CA GLY C 102 8.06 -8.13 -14.42
C GLY C 102 8.40 -9.33 -15.28
N THR C 103 8.89 -10.39 -14.65
CA THR C 103 9.25 -11.61 -15.35
C THR C 103 8.31 -12.74 -14.96
N LYS C 104 8.00 -13.59 -15.93
CA LYS C 104 7.10 -14.71 -15.73
C LYS C 104 7.87 -16.01 -15.90
N VAL C 105 7.39 -17.08 -15.25
CA VAL C 105 8.04 -18.37 -15.26
C VAL C 105 7.00 -19.47 -15.49
N GLU C 106 7.48 -20.63 -15.93
CA GLU C 106 6.63 -21.71 -16.39
C GLU C 106 7.37 -23.03 -16.19
N ILE C 107 6.76 -24.13 -16.64
CA ILE C 107 7.34 -25.47 -16.48
C ILE C 107 7.12 -26.28 -17.75
N ARG C 108 8.13 -27.06 -18.10
CA ARG C 108 8.02 -28.00 -19.22
C ARG C 108 6.99 -29.09 -18.93
N ARG C 109 6.19 -29.42 -19.94
CA ARG C 109 5.19 -30.47 -19.79
C ARG C 109 5.09 -31.44 -20.96
N THR C 110 5.69 -31.16 -22.12
CA THR C 110 5.54 -32.00 -23.32
C THR C 110 4.07 -32.08 -23.74
N VAL C 111 3.59 -30.93 -24.24
CA VAL C 111 2.19 -30.69 -24.59
C VAL C 111 1.52 -31.86 -25.30
N ALA C 112 0.28 -32.14 -24.92
CA ALA C 112 -0.56 -33.17 -25.50
C ALA C 112 -1.80 -32.55 -26.16
N ALA C 113 -2.70 -33.41 -26.62
CA ALA C 113 -3.93 -33.09 -27.34
C ALA C 113 -5.16 -33.25 -26.46
N PRO C 114 -6.11 -32.31 -26.56
CA PRO C 114 -7.31 -32.35 -25.72
C PRO C 114 -8.43 -33.17 -26.32
N SER C 115 -9.58 -33.18 -25.64
CA SER C 115 -10.83 -33.67 -26.19
C SER C 115 -11.76 -32.49 -26.42
N VAL C 116 -12.31 -32.39 -27.63
CA VAL C 116 -13.15 -31.26 -28.02
C VAL C 116 -14.61 -31.64 -27.83
N PHE C 117 -15.40 -30.67 -27.40
CA PHE C 117 -16.81 -30.91 -27.09
C PHE C 117 -17.53 -29.57 -27.04
N ILE C 118 -18.83 -29.60 -27.32
CA ILE C 118 -19.64 -28.40 -27.45
C ILE C 118 -20.85 -28.51 -26.54
N PHE C 119 -21.33 -27.37 -26.07
CA PHE C 119 -22.42 -27.33 -25.09
C PHE C 119 -23.59 -26.54 -25.65
N PRO C 120 -24.68 -27.18 -26.02
CA PRO C 120 -25.82 -26.45 -26.60
C PRO C 120 -26.70 -25.84 -25.52
N PRO C 121 -27.18 -24.62 -25.73
CA PRO C 121 -28.14 -24.05 -24.78
C PRO C 121 -29.46 -24.79 -24.83
N SER C 122 -30.07 -24.96 -23.65
CA SER C 122 -31.29 -25.73 -23.55
C SER C 122 -32.45 -24.99 -24.22
N ASP C 123 -33.60 -25.67 -24.26
CA ASP C 123 -34.78 -25.08 -24.88
C ASP C 123 -35.32 -23.88 -24.11
N GLU C 124 -34.84 -23.66 -22.88
CA GLU C 124 -35.18 -22.45 -22.13
C GLU C 124 -34.62 -21.20 -22.79
N GLN C 125 -33.72 -21.35 -23.75
CA GLN C 125 -33.02 -20.21 -24.34
C GLN C 125 -33.95 -19.34 -25.18
N LEU C 126 -35.17 -19.78 -25.45
CA LEU C 126 -36.16 -18.90 -26.07
C LEU C 126 -36.53 -17.76 -25.13
N LYS C 127 -36.48 -18.02 -23.82
CA LYS C 127 -36.90 -17.05 -22.82
C LYS C 127 -35.81 -16.77 -21.78
N SER C 128 -34.60 -17.22 -22.03
CA SER C 128 -33.50 -17.07 -21.08
C SER C 128 -32.77 -15.75 -21.33
N GLY C 129 -31.57 -15.62 -20.77
CA GLY C 129 -30.78 -14.41 -20.97
C GLY C 129 -30.19 -14.25 -22.35
N THR C 130 -29.24 -15.12 -22.71
CA THR C 130 -28.49 -14.98 -23.95
C THR C 130 -28.26 -16.34 -24.59
N ALA C 131 -28.45 -16.42 -25.91
CA ALA C 131 -28.29 -17.67 -26.65
C ALA C 131 -26.82 -17.90 -26.93
N SER C 132 -26.12 -18.36 -25.89
CA SER C 132 -24.69 -18.61 -25.95
C SER C 132 -24.42 -20.10 -25.96
N VAL C 133 -23.44 -20.52 -26.76
CA VAL C 133 -22.97 -21.90 -26.80
C VAL C 133 -21.63 -21.96 -26.08
N VAL C 134 -21.35 -23.09 -25.43
CA VAL C 134 -20.19 -23.23 -24.57
C VAL C 134 -19.29 -24.32 -25.14
N CYS C 135 -18.00 -24.01 -25.25
CA CYS C 135 -16.97 -24.99 -25.58
C CYS C 135 -15.87 -24.93 -24.52
N LEU C 136 -15.05 -25.97 -24.48
CA LEU C 136 -13.90 -25.99 -23.59
C LEU C 136 -12.83 -26.91 -24.15
N LEU C 137 -11.65 -26.37 -24.41
CA LEU C 137 -10.47 -27.17 -24.68
C LEU C 137 -9.79 -27.46 -23.35
N ASN C 138 -9.17 -28.62 -23.24
CA ASN C 138 -8.66 -29.11 -21.97
C ASN C 138 -7.15 -29.26 -22.03
N ASN C 139 -6.45 -28.57 -21.13
CA ASN C 139 -5.02 -28.78 -20.87
C ASN C 139 -4.17 -28.53 -22.13
N PHE C 140 -4.16 -27.27 -22.58
CA PHE C 140 -3.08 -26.76 -23.41
C PHE C 140 -1.96 -26.22 -22.55
N TYR C 141 -0.75 -26.69 -22.80
CA TYR C 141 0.44 -26.08 -22.21
C TYR C 141 0.88 -24.79 -22.92
N PRO C 142 0.99 -24.77 -24.26
CA PRO C 142 1.65 -23.64 -24.92
C PRO C 142 0.89 -22.33 -24.70
N ARG C 143 1.65 -21.23 -24.82
CA ARG C 143 1.07 -19.91 -24.67
C ARG C 143 0.03 -19.62 -25.76
N GLU C 144 0.31 -20.05 -26.98
CA GLU C 144 -0.59 -19.78 -28.10
C GLU C 144 -1.95 -20.44 -27.88
N ALA C 145 -3.01 -19.68 -28.19
CA ALA C 145 -4.37 -20.18 -28.01
C ALA C 145 -5.28 -19.39 -28.94
N LYS C 146 -5.79 -20.04 -29.97
CA LYS C 146 -6.64 -19.39 -30.95
C LYS C 146 -7.88 -20.23 -31.22
N VAL C 147 -9.03 -19.55 -31.30
CA VAL C 147 -10.30 -20.20 -31.59
C VAL C 147 -11.03 -19.37 -32.65
N GLN C 148 -11.67 -20.05 -33.59
CA GLN C 148 -12.40 -19.39 -34.66
C GLN C 148 -13.84 -19.88 -34.70
N TRP C 149 -14.60 -19.50 -35.72
CA TRP C 149 -15.97 -19.96 -35.81
C TRP C 149 -16.50 -19.70 -37.22
N LYS C 150 -17.57 -20.42 -37.56
CA LYS C 150 -18.38 -20.13 -38.74
C LYS C 150 -19.82 -20.53 -38.40
N VAL C 151 -20.58 -19.58 -37.87
CA VAL C 151 -21.93 -19.87 -37.39
C VAL C 151 -22.88 -19.99 -38.56
N ASP C 152 -24.02 -20.61 -38.33
CA ASP C 152 -24.96 -20.94 -39.40
C ASP C 152 -25.54 -19.65 -39.98
N ASN C 153 -25.07 -19.27 -41.17
CA ASN C 153 -25.62 -18.16 -41.96
C ASN C 153 -25.54 -16.84 -41.20
N ALA C 154 -24.33 -16.48 -40.80
CA ALA C 154 -24.04 -15.18 -40.20
C ALA C 154 -22.54 -14.98 -40.17
N LEU C 155 -22.11 -13.77 -40.54
CA LEU C 155 -20.68 -13.42 -40.60
C LEU C 155 -20.47 -12.13 -39.81
N GLN C 156 -20.29 -12.25 -38.50
CA GLN C 156 -19.98 -11.10 -37.66
C GLN C 156 -19.51 -11.60 -36.30
N SER C 157 -18.43 -10.99 -35.80
CA SER C 157 -17.83 -11.41 -34.53
C SER C 157 -17.85 -10.25 -33.54
N GLY C 158 -19.00 -9.57 -33.43
CA GLY C 158 -19.08 -8.41 -32.56
C GLY C 158 -18.86 -8.74 -31.10
N ASN C 159 -19.45 -9.83 -30.62
CA ASN C 159 -19.38 -10.22 -29.22
C ASN C 159 -18.84 -11.63 -29.10
N SER C 160 -17.76 -11.78 -28.33
CA SER C 160 -17.19 -13.09 -28.03
C SER C 160 -16.45 -12.99 -26.71
N GLN C 161 -16.67 -13.96 -25.83
CA GLN C 161 -16.13 -13.94 -24.49
C GLN C 161 -15.24 -15.16 -24.27
N GLU C 162 -14.09 -14.94 -23.66
CA GLU C 162 -13.10 -15.98 -23.44
C GLU C 162 -12.73 -16.03 -21.98
N SER C 163 -12.36 -17.22 -21.50
CA SER C 163 -11.99 -17.43 -20.12
C SER C 163 -10.81 -18.38 -20.05
N VAL C 164 -9.72 -17.94 -19.43
CA VAL C 164 -8.50 -18.73 -19.33
C VAL C 164 -8.03 -18.74 -17.87
N THR C 165 -7.38 -19.82 -17.48
CA THR C 165 -6.89 -20.00 -16.13
C THR C 165 -5.36 -19.84 -16.08
N GLU C 166 -4.85 -19.75 -14.86
CA GLU C 166 -3.42 -19.64 -14.62
C GLU C 166 -2.82 -21.04 -14.48
N GLN C 167 -1.57 -21.12 -14.00
CA GLN C 167 -0.90 -22.40 -13.85
C GLN C 167 -1.61 -23.28 -12.84
N ASP C 168 -1.60 -24.59 -13.10
CA ASP C 168 -2.12 -25.59 -12.16
C ASP C 168 -0.92 -26.27 -11.51
N SER C 169 -0.78 -26.09 -10.19
CA SER C 169 0.40 -26.58 -9.50
C SER C 169 0.51 -28.10 -9.55
N LYS C 170 -0.60 -28.80 -9.80
CA LYS C 170 -0.55 -30.27 -9.80
C LYS C 170 0.14 -30.81 -11.04
N ASP C 171 -0.09 -30.19 -12.21
CA ASP C 171 0.44 -30.72 -13.45
C ASP C 171 1.01 -29.66 -14.39
N SER C 172 0.98 -28.39 -14.03
CA SER C 172 1.52 -27.30 -14.85
C SER C 172 0.82 -27.24 -16.22
N THR C 173 -0.49 -27.04 -16.18
CA THR C 173 -1.30 -26.90 -17.38
C THR C 173 -2.03 -25.57 -17.41
N TYR C 174 -2.37 -25.13 -18.61
CA TYR C 174 -3.30 -24.04 -18.82
C TYR C 174 -4.57 -24.61 -19.44
N SER C 175 -5.71 -24.06 -19.05
CA SER C 175 -6.98 -24.51 -19.60
C SER C 175 -7.88 -23.32 -19.82
N LEU C 176 -8.39 -23.17 -21.04
CA LEU C 176 -9.33 -22.10 -21.35
C LEU C 176 -10.52 -22.68 -22.10
N SER C 177 -11.62 -21.92 -22.07
CA SER C 177 -12.88 -22.34 -22.67
C SER C 177 -13.45 -21.18 -23.47
N SER C 178 -14.31 -21.52 -24.42
CA SER C 178 -14.94 -20.52 -25.30
C SER C 178 -16.45 -20.61 -25.15
N THR C 179 -17.06 -19.50 -24.73
CA THR C 179 -18.51 -19.36 -24.61
C THR C 179 -18.89 -18.07 -25.33
N LEU C 180 -19.27 -18.19 -26.59
CA LEU C 180 -19.60 -17.01 -27.38
C LEU C 180 -21.04 -16.58 -27.13
N THR C 181 -21.24 -15.29 -26.88
CA THR C 181 -22.54 -14.72 -26.57
C THR C 181 -22.96 -13.78 -27.70
N LEU C 182 -24.15 -14.02 -28.26
CA LEU C 182 -24.64 -13.25 -29.39
C LEU C 182 -26.13 -12.98 -29.16
N SER C 183 -26.82 -12.58 -30.22
CA SER C 183 -28.21 -12.15 -30.12
C SER C 183 -29.10 -13.28 -29.63
N LYS C 184 -29.96 -12.94 -28.66
CA LYS C 184 -30.90 -13.88 -28.06
C LYS C 184 -32.29 -13.84 -28.69
N ALA C 185 -32.82 -12.66 -28.99
CA ALA C 185 -34.23 -12.55 -29.37
C ALA C 185 -34.52 -13.25 -30.69
N ASP C 186 -33.54 -13.34 -31.58
CA ASP C 186 -33.80 -13.88 -32.91
C ASP C 186 -34.00 -15.40 -32.86
N TYR C 187 -32.95 -16.13 -32.49
CA TYR C 187 -32.96 -17.60 -32.45
C TYR C 187 -33.49 -18.18 -33.77
N GLU C 188 -33.26 -17.47 -34.88
CA GLU C 188 -33.72 -17.94 -36.18
C GLU C 188 -32.74 -17.78 -37.33
N LYS C 189 -31.69 -16.96 -37.19
CA LYS C 189 -30.72 -16.76 -38.25
C LYS C 189 -29.38 -17.39 -37.95
N HIS C 190 -29.30 -18.18 -36.87
CA HIS C 190 -28.03 -18.76 -36.45
C HIS C 190 -28.32 -20.01 -35.60
N LYS C 191 -28.24 -21.18 -36.24
CA LYS C 191 -28.71 -22.44 -35.67
C LYS C 191 -27.60 -23.47 -35.44
N VAL C 192 -26.86 -23.85 -36.49
CA VAL C 192 -25.88 -24.94 -36.41
C VAL C 192 -24.50 -24.30 -36.29
N TYR C 193 -23.93 -24.37 -35.09
CA TYR C 193 -22.81 -23.51 -34.74
C TYR C 193 -21.48 -24.18 -35.07
N ALA C 194 -20.44 -23.36 -35.14
CA ALA C 194 -19.07 -23.83 -35.34
C ALA C 194 -18.19 -23.28 -34.23
N CYS C 195 -17.30 -24.13 -33.72
CA CYS C 195 -16.43 -23.77 -32.60
C CYS C 195 -15.19 -24.66 -32.70
N GLU C 196 -14.10 -24.10 -33.19
CA GLU C 196 -12.92 -24.87 -33.55
C GLU C 196 -11.70 -24.41 -32.77
N VAL C 197 -10.78 -25.35 -32.54
CA VAL C 197 -9.51 -25.07 -31.88
C VAL C 197 -8.39 -25.65 -32.73
N THR C 198 -7.30 -24.90 -32.89
CA THR C 198 -6.23 -25.25 -33.81
C THR C 198 -4.92 -25.46 -33.06
N HIS C 199 -4.24 -26.56 -33.38
CA HIS C 199 -2.87 -26.79 -32.93
C HIS C 199 -2.24 -27.83 -33.83
N GLN C 200 -0.90 -27.83 -33.86
CA GLN C 200 -0.17 -28.84 -34.63
C GLN C 200 -0.45 -30.24 -34.10
N GLY C 201 -0.54 -30.39 -32.78
CA GLY C 201 -0.87 -31.64 -32.16
C GLY C 201 -2.34 -32.00 -32.18
N LEU C 202 -3.18 -31.14 -32.73
CA LEU C 202 -4.60 -31.40 -32.86
C LEU C 202 -5.10 -31.43 -34.30
N SER C 203 -4.33 -30.89 -35.24
CA SER C 203 -4.64 -30.91 -36.69
C SER C 203 -5.95 -30.15 -36.90
N SER C 204 -6.86 -30.66 -37.74
CA SER C 204 -8.09 -29.95 -38.07
C SER C 204 -9.27 -30.58 -37.34
N PRO C 205 -9.88 -29.90 -36.38
CA PRO C 205 -11.01 -30.47 -35.65
C PRO C 205 -12.30 -30.38 -36.46
N VAL C 206 -13.32 -31.05 -35.94
CA VAL C 206 -14.67 -30.98 -36.48
C VAL C 206 -15.63 -30.65 -35.34
N THR C 207 -16.46 -29.63 -35.54
CA THR C 207 -17.47 -29.27 -34.54
C THR C 207 -18.67 -28.68 -35.31
N LYS C 208 -19.63 -29.55 -35.60
CA LYS C 208 -20.91 -29.15 -36.19
C LYS C 208 -21.98 -29.77 -35.30
N SER C 209 -22.40 -29.02 -34.29
CA SER C 209 -23.24 -29.57 -33.23
C SER C 209 -24.62 -29.92 -33.77
N PHE C 210 -25.45 -30.45 -32.87
CA PHE C 210 -26.78 -30.92 -33.24
C PHE C 210 -27.62 -29.76 -33.77
N ASN C 211 -28.41 -30.05 -34.81
CA ASN C 211 -29.25 -29.03 -35.43
C ASN C 211 -30.25 -28.50 -34.43
N ARG C 212 -30.20 -27.19 -34.19
CA ARG C 212 -31.13 -26.57 -33.26
C ARG C 212 -32.52 -26.48 -33.89
N GLY C 213 -33.49 -26.09 -33.07
CA GLY C 213 -34.86 -25.95 -33.52
C GLY C 213 -35.71 -27.18 -33.25
#